data_5EOQ
#
_entry.id   5EOQ
#
_cell.length_a   99.339
_cell.length_b   99.339
_cell.length_c   117.564
_cell.angle_alpha   90.000
_cell.angle_beta   90.000
_cell.angle_gamma   120.000
#
_symmetry.space_group_name_H-M   'P 65'
#
loop_
_entity.id
_entity.type
_entity.pdbx_description
1 polymer 'Anti vaccinia virus A27 antibody Fab 1G6 heavy chain'
2 polymer 'Anti vaccinia virus A27 antibody Fab 1G6 light chain'
3 polymer 'Protein A27'
4 water water
#
loop_
_entity_poly.entity_id
_entity_poly.type
_entity_poly.pdbx_seq_one_letter_code
_entity_poly.pdbx_strand_id
1 'polypeptide(L)'
;QVTLKESGPGILKPSQTLSLTCSFSGFSLSTSGMGVGWIRQPSGKGLEWLAHIWWDDDKYYNPSLQSQLTISKDTSRNQV
FLKITSVDTADSATYYCAHDRGYYAMDYWGQGISVTVSSAKTTAPSVYPLAPVCGDTTGSSVTLGCLVKGYFPEPVTLTW
NSGSLSSGVHTFPAVLQSDLYTLSSSVTVTSSTWPSQSITCNVAHPASSTKVDKKIEPR
;
H
2 'polypeptide(L)'
;DVVMTQTPLSLSVSLGDQASISCRSSQSLVHSNGNTYLHWYLQKPGQSPKLLIYKVSNRFSGVPDRLSGSGSGTDFTLKI
SRVEAEDLAVYFCSQSTHVPPTFGGGTKLELKRADAAPTVSIFPPSSEQLTSGGASVVCFLNNFYPKDINVKWKIDGSER
QNGVLNSWTDQDSKDSTYSMSSTLTLTKDEYERHNSYTCEATHKTSTSPIVKSFNRNE
;
L
3 'polypeptide(L)' KREAIVKADE A
#
# COMPACT_ATOMS: atom_id res chain seq x y z
N GLN A 1 23.71 -5.01 0.22
CA GLN A 1 23.40 -4.60 -1.18
C GLN A 1 22.48 -5.62 -1.86
N VAL A 2 21.80 -6.42 -1.04
CA VAL A 2 20.88 -7.44 -1.52
C VAL A 2 19.60 -6.80 -2.04
N THR A 3 19.24 -7.11 -3.28
CA THR A 3 17.96 -6.66 -3.86
C THR A 3 17.27 -7.83 -4.56
N LEU A 4 15.94 -7.81 -4.58
CA LEU A 4 15.14 -8.83 -5.28
C LEU A 4 14.00 -8.15 -6.03
N LYS A 5 13.59 -8.73 -7.16
CA LYS A 5 12.48 -8.16 -7.93
C LYS A 5 11.65 -9.27 -8.59
N GLU A 6 10.35 -9.24 -8.35
CA GLU A 6 9.43 -10.25 -8.88
C GLU A 6 8.92 -9.83 -10.26
N SER A 7 8.73 -10.80 -11.15
CA SER A 7 8.10 -10.53 -12.44
C SER A 7 7.07 -11.62 -12.76
N GLY A 8 6.12 -11.29 -13.62
CA GLY A 8 5.02 -12.21 -13.97
C GLY A 8 3.85 -11.39 -14.45
N PRO A 9 2.71 -12.06 -14.74
CA PRO A 9 1.54 -11.36 -15.27
C PRO A 9 0.76 -10.65 -14.17
N GLY A 10 0.18 -9.51 -14.50
CA GLY A 10 -0.66 -8.79 -13.54
C GLY A 10 -2.05 -9.40 -13.40
N ILE A 11 -2.44 -10.21 -14.38
CA ILE A 11 -3.77 -10.82 -14.42
C ILE A 11 -3.73 -12.14 -15.19
N LEU A 12 -4.48 -13.12 -14.69
CA LEU A 12 -4.72 -14.37 -15.42
C LEU A 12 -6.05 -14.97 -14.98
N LYS A 13 -6.51 -16.00 -15.70
CA LYS A 13 -7.86 -16.56 -15.51
C LYS A 13 -7.87 -17.75 -14.54
N PRO A 14 -9.02 -17.97 -13.85
CA PRO A 14 -9.08 -19.15 -13.01
C PRO A 14 -8.83 -20.39 -13.86
N SER A 15 -8.20 -21.39 -13.22
CA SER A 15 -7.77 -22.66 -13.81
C SER A 15 -6.42 -22.58 -14.51
N GLN A 16 -5.93 -21.38 -14.82
CA GLN A 16 -4.63 -21.26 -15.47
C GLN A 16 -3.47 -21.44 -14.51
N THR A 17 -2.27 -21.52 -15.07
CA THR A 17 -1.07 -21.69 -14.27
C THR A 17 -0.37 -20.34 -14.13
N LEU A 18 -0.08 -19.96 -12.89
CA LEU A 18 0.68 -18.75 -12.60
C LEU A 18 2.19 -19.00 -12.56
N SER A 19 2.93 -18.29 -13.42
CA SER A 19 4.39 -18.41 -13.49
C SER A 19 5.09 -17.13 -13.07
N LEU A 20 5.72 -17.17 -11.90
CA LEU A 20 6.45 -16.04 -11.36
C LEU A 20 7.96 -16.27 -11.35
N THR A 21 8.70 -15.18 -11.55
CA THR A 21 10.15 -15.21 -11.52
C THR A 21 10.66 -14.18 -10.52
N CYS A 22 11.64 -14.60 -9.72
CA CYS A 22 12.38 -13.71 -8.83
C CYS A 22 13.76 -13.52 -9.43
N SER A 23 14.16 -12.25 -9.63
CA SER A 23 15.53 -11.96 -10.06
C SER A 23 16.22 -11.21 -8.92
N PHE A 24 17.41 -11.65 -8.54
CA PHE A 24 18.10 -11.06 -7.41
C PHE A 24 19.57 -10.71 -7.67
N SER A 25 20.12 -9.84 -6.84
CA SER A 25 21.54 -9.49 -6.86
C SER A 25 22.02 -9.19 -5.45
N GLY A 26 23.34 -9.15 -5.27
CA GLY A 26 23.91 -8.89 -3.97
C GLY A 26 24.16 -10.16 -3.18
N PHE A 27 23.69 -11.28 -3.72
CA PHE A 27 24.00 -12.60 -3.18
C PHE A 27 23.88 -13.64 -4.28
N SER A 28 24.37 -14.84 -4.00
CA SER A 28 24.30 -15.95 -4.95
C SER A 28 23.70 -17.17 -4.25
N LEU A 29 22.85 -17.91 -4.95
CA LEU A 29 22.38 -19.19 -4.44
C LEU A 29 23.44 -20.31 -4.50
N SER A 30 24.65 -19.96 -4.92
CA SER A 30 25.77 -20.89 -4.84
C SER A 30 26.46 -20.78 -3.48
N THR A 31 26.11 -19.75 -2.71
CA THR A 31 26.76 -19.49 -1.43
C THR A 31 26.03 -20.26 -0.34
N SER A 32 26.80 -21.02 0.45
CA SER A 32 26.23 -21.84 1.52
C SER A 32 25.39 -20.99 2.49
N GLY A 33 24.25 -21.53 2.92
CA GLY A 33 23.37 -20.81 3.81
C GLY A 33 22.31 -19.95 3.14
N MET A 34 22.42 -19.70 1.83
CA MET A 34 21.49 -18.80 1.14
C MET A 34 20.16 -19.48 0.80
N GLY A 35 19.08 -18.73 0.89
CA GLY A 35 17.75 -19.24 0.56
C GLY A 35 16.84 -18.11 0.11
N VAL A 36 15.90 -18.44 -0.76
CA VAL A 36 14.93 -17.48 -1.25
C VAL A 36 13.51 -18.03 -1.03
N GLY A 37 12.64 -17.18 -0.51
CA GLY A 37 11.27 -17.57 -0.21
C GLY A 37 10.23 -16.81 -1.02
N TRP A 38 9.06 -17.40 -1.14
CA TRP A 38 7.89 -16.76 -1.72
C TRP A 38 6.82 -16.69 -0.68
N ILE A 39 6.25 -15.49 -0.53
CA ILE A 39 5.20 -15.21 0.44
C ILE A 39 4.19 -14.29 -0.26
N ARG A 40 2.90 -14.53 -0.04
CA ARG A 40 1.86 -13.71 -0.67
C ARG A 40 0.96 -13.02 0.34
N GLN A 41 0.24 -12.00 -0.13
CA GLN A 41 -0.61 -11.21 0.73
C GLN A 41 -1.82 -10.71 -0.07
N PRO A 42 -2.99 -11.34 0.11
CA PRO A 42 -4.20 -10.83 -0.53
C PRO A 42 -4.48 -9.42 -0.01
N SER A 43 -5.06 -8.58 -0.85
CA SER A 43 -5.32 -7.17 -0.51
C SER A 43 -6.02 -7.05 0.85
N GLY A 44 -5.45 -6.24 1.73
CA GLY A 44 -6.01 -6.04 3.07
C GLY A 44 -6.02 -7.26 3.98
N LYS A 45 -5.28 -8.31 3.61
CA LYS A 45 -5.24 -9.54 4.42
C LYS A 45 -3.82 -9.88 4.92
N GLY A 46 -3.68 -11.03 5.56
CA GLY A 46 -2.42 -11.42 6.17
C GLY A 46 -1.48 -12.11 5.20
N LEU A 47 -0.21 -12.19 5.60
CA LEU A 47 0.80 -12.88 4.81
C LEU A 47 0.56 -14.39 4.89
N GLU A 48 0.84 -15.07 3.78
CA GLU A 48 0.82 -16.52 3.73
C GLU A 48 2.10 -17.02 3.08
N TRP A 49 2.79 -17.92 3.75
CA TRP A 49 4.02 -18.50 3.21
C TRP A 49 3.68 -19.50 2.12
N LEU A 50 4.47 -19.47 1.04
CA LEU A 50 4.25 -20.38 -0.07
C LEU A 50 5.32 -21.47 -0.14
N ALA A 51 6.58 -21.05 -0.30
CA ALA A 51 7.69 -21.98 -0.52
C ALA A 51 9.06 -21.31 -0.41
N HIS A 52 10.06 -22.11 -0.04
CA HIS A 52 11.47 -21.71 0.02
C HIS A 52 12.30 -22.70 -0.76
N ILE A 53 13.38 -22.22 -1.37
CA ILE A 53 14.38 -23.07 -2.00
C ILE A 53 15.73 -22.63 -1.46
N TRP A 54 16.63 -23.58 -1.29
CA TRP A 54 17.92 -23.35 -0.65
C TRP A 54 19.09 -23.59 -1.57
N TRP A 55 20.25 -23.09 -1.18
CA TRP A 55 21.49 -23.23 -1.96
C TRP A 55 21.83 -24.66 -2.33
N ASP A 56 21.43 -25.61 -1.47
CA ASP A 56 21.75 -27.03 -1.65
C ASP A 56 20.61 -27.81 -2.30
N ASP A 57 19.73 -27.09 -3.02
CA ASP A 57 18.59 -27.67 -3.74
C ASP A 57 17.43 -28.15 -2.88
N ASP A 58 17.53 -27.94 -1.56
CA ASP A 58 16.45 -28.33 -0.65
C ASP A 58 15.28 -27.36 -0.86
N LYS A 59 14.07 -27.90 -0.90
CA LYS A 59 12.85 -27.13 -1.16
C LYS A 59 11.80 -27.48 -0.12
N TYR A 60 11.03 -26.48 0.28
CA TYR A 60 10.00 -26.67 1.30
C TYR A 60 8.75 -25.92 0.90
N TYR A 61 7.61 -26.53 1.17
CA TYR A 61 6.32 -26.04 0.69
C TYR A 61 5.33 -25.92 1.84
N ASN A 62 4.48 -24.91 1.76
CA ASN A 62 3.29 -24.82 2.61
C ASN A 62 2.46 -26.09 2.42
N PRO A 63 2.32 -26.91 3.49
CA PRO A 63 1.66 -28.20 3.33
C PRO A 63 0.21 -28.13 2.78
N SER A 64 -0.53 -27.08 3.10
CA SER A 64 -1.89 -26.99 2.60
C SER A 64 -1.99 -26.56 1.12
N LEU A 65 -0.86 -26.17 0.53
CA LEU A 65 -0.82 -25.68 -0.87
C LEU A 65 0.12 -26.47 -1.78
N GLN A 66 0.78 -27.47 -1.24
CA GLN A 66 1.88 -28.13 -1.97
C GLN A 66 1.50 -28.78 -3.30
N SER A 67 0.27 -29.29 -3.43
CA SER A 67 -0.18 -29.88 -4.69
C SER A 67 -0.24 -28.85 -5.83
N GLN A 68 -0.30 -27.57 -5.48
CA GLN A 68 -0.33 -26.51 -6.49
C GLN A 68 1.02 -25.84 -6.75
N LEU A 69 1.99 -26.06 -5.87
CA LEU A 69 3.23 -25.28 -5.91
C LEU A 69 4.43 -26.03 -6.44
N THR A 70 5.20 -25.38 -7.32
CA THR A 70 6.53 -25.85 -7.70
C THR A 70 7.52 -24.71 -7.64
N ILE A 71 8.57 -24.89 -6.84
CA ILE A 71 9.66 -23.91 -6.77
C ILE A 71 10.89 -24.49 -7.47
N SER A 72 11.66 -23.62 -8.13
CA SER A 72 12.89 -24.03 -8.79
C SER A 72 13.83 -22.85 -8.86
N LYS A 73 15.05 -23.06 -9.33
CA LYS A 73 16.02 -21.98 -9.43
C LYS A 73 16.92 -22.10 -10.65
N ASP A 74 17.48 -20.98 -11.07
CA ASP A 74 18.60 -20.98 -12.00
C ASP A 74 19.69 -20.17 -11.35
N THR A 75 20.56 -20.87 -10.62
CA THR A 75 21.62 -20.25 -9.83
C THR A 75 22.57 -19.43 -10.70
N SER A 76 22.81 -19.90 -11.92
CA SER A 76 23.74 -19.23 -12.83
C SER A 76 23.25 -17.85 -13.27
N ARG A 77 21.93 -17.67 -13.30
CA ARG A 77 21.34 -16.37 -13.67
C ARG A 77 20.72 -15.61 -12.50
N ASN A 78 20.93 -16.11 -11.29
CA ASN A 78 20.36 -15.53 -10.07
C ASN A 78 18.85 -15.34 -10.19
N GLN A 79 18.15 -16.43 -10.49
CA GLN A 79 16.71 -16.41 -10.58
C GLN A 79 16.14 -17.59 -9.83
N VAL A 80 14.97 -17.36 -9.25
CA VAL A 80 14.16 -18.37 -8.60
C VAL A 80 12.77 -18.32 -9.27
N PHE A 81 12.13 -19.48 -9.37
CA PHE A 81 10.85 -19.57 -10.08
C PHE A 81 9.77 -20.20 -9.21
N LEU A 82 8.57 -19.68 -9.34
CA LEU A 82 7.43 -20.28 -8.69
C LEU A 82 6.33 -20.50 -9.69
N LYS A 83 5.77 -21.69 -9.67
CA LYS A 83 4.61 -22.04 -10.48
C LYS A 83 3.48 -22.43 -9.57
N ILE A 84 2.32 -21.81 -9.79
CA ILE A 84 1.08 -22.20 -9.11
C ILE A 84 0.02 -22.67 -10.11
N THR A 85 -0.35 -23.93 -10.03
CA THR A 85 -1.34 -24.49 -10.96
C THR A 85 -2.76 -24.31 -10.43
N SER A 86 -3.73 -24.32 -11.34
CA SER A 86 -5.18 -24.24 -11.03
C SER A 86 -5.56 -23.04 -10.15
N VAL A 87 -5.15 -21.84 -10.55
CA VAL A 87 -5.41 -20.67 -9.72
C VAL A 87 -6.90 -20.31 -9.74
N ASP A 88 -7.38 -19.70 -8.66
CA ASP A 88 -8.74 -19.16 -8.62
C ASP A 88 -8.64 -17.83 -7.90
N THR A 89 -9.77 -17.15 -7.69
CA THR A 89 -9.76 -15.77 -7.17
C THR A 89 -9.07 -15.62 -5.82
N ALA A 90 -9.13 -16.66 -4.98
CA ALA A 90 -8.44 -16.69 -3.69
C ALA A 90 -6.94 -16.49 -3.86
N ASP A 91 -6.42 -16.81 -5.04
CA ASP A 91 -5.01 -16.62 -5.34
C ASP A 91 -4.65 -15.18 -5.76
N SER A 92 -5.65 -14.30 -5.86
CA SER A 92 -5.35 -12.89 -6.13
C SER A 92 -4.61 -12.35 -4.91
N ALA A 93 -3.43 -11.77 -5.13
CA ALA A 93 -2.59 -11.24 -4.05
C ALA A 93 -1.39 -10.51 -4.61
N THR A 94 -0.70 -9.80 -3.73
CA THR A 94 0.67 -9.39 -3.97
C THR A 94 1.61 -10.52 -3.59
N TYR A 95 2.45 -10.91 -4.53
CA TYR A 95 3.42 -11.98 -4.33
C TYR A 95 4.82 -11.40 -4.14
N TYR A 96 5.46 -11.80 -3.06
CA TYR A 96 6.81 -11.36 -2.72
C TYR A 96 7.82 -12.50 -2.78
N CYS A 97 8.98 -12.25 -3.40
CA CYS A 97 10.13 -13.11 -3.14
C CYS A 97 11.06 -12.44 -2.13
N ALA A 98 11.75 -13.24 -1.33
CA ALA A 98 12.54 -12.72 -0.20
C ALA A 98 13.79 -13.53 0.12
N HIS A 99 14.85 -12.83 0.50
CA HIS A 99 16.09 -13.42 0.97
C HIS A 99 15.89 -13.89 2.39
N ASP A 100 16.31 -15.11 2.71
CA ASP A 100 16.06 -15.70 4.03
C ASP A 100 17.30 -15.77 4.92
N ARG A 101 17.11 -15.69 6.23
CA ARG A 101 18.25 -15.75 7.15
C ARG A 101 18.70 -17.19 7.41
N GLY A 102 17.84 -18.16 7.11
CA GLY A 102 18.19 -19.57 7.28
C GLY A 102 17.12 -20.34 8.02
N TYR A 103 16.20 -19.60 8.64
CA TYR A 103 15.19 -20.19 9.51
C TYR A 103 13.79 -19.58 9.33
N TYR A 104 13.55 -19.07 8.12
CA TYR A 104 12.22 -18.53 7.73
C TYR A 104 11.92 -17.21 8.43
N ALA A 105 12.95 -16.38 8.53
CA ALA A 105 12.80 -14.97 8.78
C ALA A 105 13.45 -14.30 7.57
N MET A 106 12.71 -13.42 6.94
CA MET A 106 13.09 -12.87 5.65
C MET A 106 13.56 -11.43 5.83
N ASP A 107 14.83 -11.19 5.51
CA ASP A 107 15.46 -9.92 5.84
C ASP A 107 15.57 -8.93 4.68
N TYR A 108 15.41 -9.40 3.45
CA TYR A 108 15.28 -8.51 2.29
C TYR A 108 14.15 -9.03 1.43
N TRP A 109 13.28 -8.12 1.02
CA TRP A 109 12.07 -8.41 0.26
C TRP A 109 12.05 -7.71 -1.07
N GLY A 110 11.47 -8.33 -2.07
CA GLY A 110 11.19 -7.62 -3.32
C GLY A 110 10.07 -6.62 -3.10
N GLN A 111 9.85 -5.77 -4.11
CA GLN A 111 8.78 -4.76 -4.04
C GLN A 111 7.39 -5.41 -4.05
N GLY A 112 7.33 -6.66 -4.54
CA GLY A 112 6.08 -7.38 -4.66
C GLY A 112 5.49 -7.22 -6.04
N ILE A 113 4.82 -8.25 -6.54
CA ILE A 113 4.08 -8.14 -7.79
C ILE A 113 2.61 -8.46 -7.56
N SER A 114 1.75 -7.54 -7.99
CA SER A 114 0.32 -7.71 -7.87
C SER A 114 -0.21 -8.70 -8.92
N VAL A 115 -0.87 -9.74 -8.46
CA VAL A 115 -1.45 -10.72 -9.37
C VAL A 115 -2.96 -10.85 -9.10
N THR A 116 -3.75 -10.62 -10.14
CA THR A 116 -5.21 -10.70 -10.00
C THR A 116 -5.74 -11.90 -10.79
N VAL A 117 -6.46 -12.80 -10.13
CA VAL A 117 -7.05 -13.91 -10.85
C VAL A 117 -8.50 -13.53 -11.16
N SER A 118 -8.81 -13.44 -12.44
CA SER A 118 -10.10 -12.85 -12.86
C SER A 118 -10.38 -13.20 -14.30
N SER A 119 -11.68 -13.26 -14.65
CA SER A 119 -12.10 -13.39 -16.03
C SER A 119 -12.42 -12.04 -16.68
N ALA A 120 -12.34 -10.94 -15.92
CA ALA A 120 -12.63 -9.62 -16.49
C ALA A 120 -11.53 -9.24 -17.47
N LYS A 121 -11.85 -8.31 -18.37
CA LYS A 121 -10.88 -7.83 -19.34
C LYS A 121 -9.93 -6.82 -18.68
N THR A 122 -8.69 -6.78 -19.15
CA THR A 122 -7.76 -5.70 -18.81
C THR A 122 -8.25 -4.39 -19.46
N THR A 123 -8.26 -3.32 -18.68
CA THR A 123 -8.78 -2.02 -19.11
C THR A 123 -7.79 -0.93 -18.74
N ALA A 124 -7.34 -0.17 -19.74
CA ALA A 124 -6.41 0.93 -19.52
C ALA A 124 -7.17 2.09 -18.86
N PRO A 125 -6.47 2.90 -18.03
CA PRO A 125 -7.18 4.00 -17.40
C PRO A 125 -7.34 5.18 -18.35
N SER A 126 -8.36 5.99 -18.10
CA SER A 126 -8.40 7.35 -18.62
C SER A 126 -7.68 8.23 -17.60
N VAL A 127 -6.89 9.19 -18.09
CA VAL A 127 -6.14 10.08 -17.18
C VAL A 127 -6.57 11.53 -17.42
N TYR A 128 -7.09 12.17 -16.39
CA TYR A 128 -7.65 13.53 -16.51
C TYR A 128 -6.96 14.54 -15.60
N PRO A 129 -6.53 15.67 -16.17
CA PRO A 129 -5.88 16.74 -15.41
C PRO A 129 -6.90 17.51 -14.58
N LEU A 130 -6.52 17.88 -13.36
CA LEU A 130 -7.41 18.66 -12.49
C LEU A 130 -6.77 20.02 -12.22
N ALA A 131 -7.18 21.02 -13.00
CA ALA A 131 -6.75 22.41 -12.79
C ALA A 131 -7.73 23.10 -11.84
N PRO A 132 -7.23 24.04 -11.00
CA PRO A 132 -8.12 24.75 -10.08
C PRO A 132 -9.21 25.52 -10.83
N VAL A 133 -10.33 25.74 -10.16
CA VAL A 133 -11.42 26.54 -10.71
C VAL A 133 -10.88 27.88 -11.21
N CYS A 134 -11.26 28.25 -12.44
CA CYS A 134 -10.71 29.47 -13.07
C CYS A 134 -11.14 30.74 -12.33
N GLY A 135 -10.19 31.66 -12.17
CA GLY A 135 -10.43 32.93 -11.47
C GLY A 135 -10.72 32.75 -9.99
N THR A 138 -5.22 32.57 -6.73
CA THR A 138 -5.44 33.82 -6.02
C THR A 138 -4.75 33.88 -4.65
N GLY A 139 -4.64 32.73 -3.97
CA GLY A 139 -3.90 32.62 -2.71
C GLY A 139 -2.40 32.36 -2.90
N SER A 140 -1.72 31.97 -1.83
CA SER A 140 -0.26 31.72 -1.90
C SER A 140 0.12 30.31 -2.40
N SER A 141 -0.70 29.31 -2.08
CA SER A 141 -0.52 27.94 -2.57
C SER A 141 -1.58 27.58 -3.60
N VAL A 142 -1.21 26.71 -4.54
CA VAL A 142 -2.16 26.16 -5.50
C VAL A 142 -2.10 24.62 -5.50
N THR A 143 -3.26 23.98 -5.51
CA THR A 143 -3.35 22.53 -5.55
C THR A 143 -3.82 22.07 -6.93
N LEU A 144 -3.07 21.15 -7.51
CA LEU A 144 -3.42 20.58 -8.80
C LEU A 144 -3.74 19.12 -8.59
N GLY A 145 -4.41 18.52 -9.57
CA GLY A 145 -4.77 17.14 -9.41
C GLY A 145 -4.66 16.29 -10.66
N CYS A 146 -4.81 14.99 -10.45
CA CYS A 146 -4.80 14.04 -11.52
C CYS A 146 -5.79 12.93 -11.16
N LEU A 147 -6.72 12.66 -12.09
CA LEU A 147 -7.78 11.69 -11.86
C LEU A 147 -7.56 10.51 -12.80
N VAL A 148 -7.37 9.32 -12.22
CA VAL A 148 -7.05 8.12 -12.99
C VAL A 148 -8.25 7.18 -12.90
N LYS A 149 -8.96 7.03 -14.00
CA LYS A 149 -10.28 6.45 -13.96
C LYS A 149 -10.45 5.23 -14.83
N GLY A 150 -11.07 4.20 -14.26
CA GLY A 150 -11.58 3.08 -15.03
C GLY A 150 -10.57 2.05 -15.49
N TYR A 151 -9.60 1.75 -14.64
CA TYR A 151 -8.63 0.71 -15.00
C TYR A 151 -8.86 -0.63 -14.31
N PHE A 152 -8.30 -1.69 -14.89
CA PHE A 152 -8.32 -3.03 -14.30
C PHE A 152 -7.20 -3.85 -14.95
N PRO A 153 -6.48 -4.67 -14.17
CA PRO A 153 -6.51 -4.73 -12.70
C PRO A 153 -5.62 -3.65 -12.10
N GLU A 154 -5.49 -3.66 -10.78
CA GLU A 154 -4.46 -2.91 -10.09
C GLU A 154 -3.10 -3.51 -10.48
N PRO A 155 -2.02 -2.71 -10.40
CA PRO A 155 -2.01 -1.31 -9.94
C PRO A 155 -1.77 -0.32 -11.07
N VAL A 156 -1.75 0.96 -10.73
CA VAL A 156 -1.16 1.99 -11.58
C VAL A 156 -0.01 2.61 -10.80
N THR A 157 0.93 3.23 -11.48
CA THR A 157 1.91 4.06 -10.78
C THR A 157 1.71 5.50 -11.21
N LEU A 158 1.78 6.42 -10.25
CA LEU A 158 1.60 7.83 -10.56
C LEU A 158 2.75 8.65 -9.98
N THR A 159 3.35 9.50 -10.82
CA THR A 159 4.35 10.46 -10.36
C THR A 159 4.06 11.83 -10.97
N TRP A 160 4.68 12.86 -10.37
CA TRP A 160 4.60 14.23 -10.85
C TRP A 160 5.94 14.66 -11.37
N ASN A 161 5.97 15.19 -12.60
CA ASN A 161 7.22 15.59 -13.27
C ASN A 161 8.27 14.48 -13.22
N SER A 162 7.91 13.32 -13.78
CA SER A 162 8.76 12.12 -13.79
C SER A 162 9.40 11.75 -12.44
N GLY A 163 8.84 12.28 -11.34
CA GLY A 163 9.38 12.04 -10.00
C GLY A 163 10.11 13.23 -9.40
N SER A 164 10.33 14.27 -10.19
CA SER A 164 11.01 15.51 -9.75
C SER A 164 10.25 16.19 -8.62
N LEU A 165 8.95 16.35 -8.82
CA LEU A 165 8.07 16.92 -7.80
C LEU A 165 7.55 15.79 -6.91
N SER A 166 8.12 15.71 -5.71
CA SER A 166 7.83 14.64 -4.78
C SER A 166 7.09 15.14 -3.54
N SER A 167 7.47 16.32 -3.06
CA SER A 167 6.90 16.86 -1.83
C SER A 167 5.54 17.50 -2.09
N GLY A 168 4.66 17.43 -1.08
CA GLY A 168 3.31 17.99 -1.16
C GLY A 168 2.37 17.23 -2.10
N VAL A 169 2.68 15.95 -2.32
CA VAL A 169 1.83 15.06 -3.11
C VAL A 169 1.02 14.18 -2.16
N HIS A 170 -0.25 13.96 -2.52
CA HIS A 170 -1.06 12.93 -1.89
C HIS A 170 -1.62 12.06 -2.96
N THR A 171 -1.27 10.78 -2.93
CA THR A 171 -1.81 9.85 -3.90
C THR A 171 -2.70 8.89 -3.14
N PHE A 172 -3.97 8.88 -3.51
CA PHE A 172 -4.99 8.20 -2.72
C PHE A 172 -5.16 6.73 -3.10
N PRO A 173 -5.45 5.88 -2.10
CA PRO A 173 -5.69 4.47 -2.41
C PRO A 173 -6.77 4.31 -3.47
N ALA A 174 -6.54 3.40 -4.42
CA ALA A 174 -7.52 3.08 -5.45
C ALA A 174 -8.81 2.56 -4.82
N VAL A 175 -9.93 2.87 -5.45
CA VAL A 175 -11.23 2.33 -5.05
C VAL A 175 -11.99 1.79 -6.26
N LEU A 176 -12.78 0.74 -6.05
CA LEU A 176 -13.65 0.17 -7.09
C LEU A 176 -14.88 1.01 -7.36
N GLN A 177 -15.10 1.29 -8.65
CA GLN A 177 -16.23 2.07 -9.13
C GLN A 177 -16.81 1.28 -10.30
N SER A 178 -17.91 0.57 -10.04
CA SER A 178 -18.58 -0.26 -11.07
C SER A 178 -17.62 -1.28 -11.69
N ASP A 179 -16.92 -2.02 -10.82
CA ASP A 179 -15.96 -3.09 -11.18
C ASP A 179 -14.63 -2.61 -11.77
N LEU A 180 -14.43 -1.30 -11.85
CA LEU A 180 -13.15 -0.74 -12.31
C LEU A 180 -12.54 0.14 -11.24
N TYR A 181 -11.22 0.24 -11.24
CA TYR A 181 -10.51 1.04 -10.26
C TYR A 181 -10.38 2.49 -10.66
N THR A 182 -10.39 3.36 -9.64
CA THR A 182 -10.20 4.79 -9.81
C THR A 182 -9.30 5.28 -8.69
N LEU A 183 -8.31 6.09 -9.04
CA LEU A 183 -7.56 6.80 -8.03
C LEU A 183 -7.30 8.23 -8.47
N SER A 184 -6.86 9.05 -7.52
CA SER A 184 -6.53 10.42 -7.84
C SER A 184 -5.27 10.81 -7.08
N SER A 185 -4.68 11.92 -7.48
CA SER A 185 -3.52 12.44 -6.78
C SER A 185 -3.60 13.95 -6.80
N SER A 186 -3.29 14.55 -5.66
CA SER A 186 -3.13 16.00 -5.61
C SER A 186 -1.67 16.36 -5.42
N VAL A 187 -1.28 17.52 -5.94
CA VAL A 187 0.04 18.09 -5.66
C VAL A 187 -0.12 19.57 -5.34
N THR A 188 0.51 20.01 -4.24
CA THR A 188 0.38 21.39 -3.77
C THR A 188 1.71 22.14 -3.89
N VAL A 189 1.71 23.21 -4.68
CA VAL A 189 2.89 24.04 -4.87
C VAL A 189 2.59 25.51 -4.51
N THR A 190 3.62 26.33 -4.42
CA THR A 190 3.45 27.78 -4.28
C THR A 190 2.90 28.33 -5.61
N SER A 191 2.11 29.39 -5.53
CA SER A 191 1.52 29.99 -6.73
C SER A 191 2.53 30.68 -7.64
N SER A 192 3.77 30.80 -7.17
CA SER A 192 4.89 31.29 -7.99
C SER A 192 5.31 30.23 -9.00
N THR A 193 5.19 28.96 -8.60
CA THR A 193 5.62 27.83 -9.41
C THR A 193 4.70 27.61 -10.60
N TRP A 194 3.39 27.50 -10.34
CA TRP A 194 2.42 27.18 -11.37
C TRP A 194 1.49 28.34 -11.61
N PRO A 195 1.16 28.65 -12.89
CA PRO A 195 1.45 27.92 -14.12
C PRO A 195 2.71 28.31 -14.90
N SER A 196 3.58 29.12 -14.32
CA SER A 196 4.82 29.52 -15.00
C SER A 196 5.71 28.31 -15.27
N GLN A 197 5.86 27.46 -14.26
CA GLN A 197 6.62 26.21 -14.38
C GLN A 197 5.69 25.04 -14.68
N SER A 198 6.14 24.16 -15.57
CA SER A 198 5.37 23.03 -16.06
C SER A 198 5.14 21.96 -14.99
N ILE A 199 3.91 21.47 -14.90
CA ILE A 199 3.57 20.36 -13.98
C ILE A 199 2.77 19.28 -14.71
N THR A 200 3.34 18.09 -14.76
CA THR A 200 2.76 16.97 -15.50
C THR A 200 2.58 15.75 -14.58
N CYS A 201 1.43 15.11 -14.74
CA CYS A 201 1.08 13.88 -14.06
C CYS A 201 1.53 12.70 -14.93
N ASN A 202 2.32 11.78 -14.37
CA ASN A 202 2.79 10.59 -15.11
C ASN A 202 2.13 9.30 -14.59
N VAL A 203 1.39 8.61 -15.46
CA VAL A 203 0.63 7.44 -15.05
C VAL A 203 1.02 6.23 -15.87
N ALA A 204 1.33 5.12 -15.20
CA ALA A 204 1.56 3.86 -15.89
C ALA A 204 0.64 2.76 -15.37
N HIS A 205 0.16 1.95 -16.30
CA HIS A 205 -0.65 0.79 -15.98
C HIS A 205 0.00 -0.38 -16.68
N PRO A 206 0.88 -1.10 -15.97
CA PRO A 206 1.69 -2.18 -16.55
C PRO A 206 0.87 -3.28 -17.22
N ALA A 207 -0.31 -3.60 -16.67
CA ALA A 207 -1.11 -4.69 -17.24
C ALA A 207 -1.61 -4.40 -18.66
N SER A 208 -1.82 -3.12 -18.99
CA SER A 208 -2.27 -2.74 -20.33
C SER A 208 -1.14 -2.15 -21.16
N SER A 209 0.07 -2.13 -20.59
CA SER A 209 1.22 -1.45 -21.19
C SER A 209 0.94 0.03 -21.51
N THR A 210 0.24 0.70 -20.60
CA THR A 210 -0.09 2.11 -20.73
C THR A 210 0.90 3.00 -19.99
N LYS A 211 1.42 4.01 -20.67
CA LYS A 211 2.19 5.06 -20.02
C LYS A 211 1.73 6.39 -20.62
N VAL A 212 1.07 7.21 -19.81
CA VAL A 212 0.57 8.51 -20.28
C VAL A 212 1.06 9.68 -19.43
N ASP A 213 1.23 10.83 -20.09
CA ASP A 213 1.58 12.08 -19.43
C ASP A 213 0.44 13.06 -19.62
N LYS A 214 0.02 13.71 -18.54
CA LYS A 214 -0.98 14.77 -18.64
C LYS A 214 -0.48 16.03 -17.96
N LYS A 215 -0.18 17.04 -18.78
CA LYS A 215 0.25 18.34 -18.30
C LYS A 215 -0.97 19.10 -17.79
N ILE A 216 -0.86 19.70 -16.60
CA ILE A 216 -1.94 20.50 -16.04
C ILE A 216 -1.93 21.92 -16.63
N GLU A 217 -2.95 22.24 -17.42
CA GLU A 217 -3.11 23.56 -18.03
C GLU A 217 -4.10 24.39 -17.21
N PRO A 218 -3.85 25.71 -17.08
CA PRO A 218 -4.86 26.60 -16.46
C PRO A 218 -6.18 26.59 -17.21
N ARG A 219 -7.29 26.69 -16.49
CA ARG A 219 -8.61 26.80 -17.11
C ARG A 219 -8.82 28.22 -17.64
N ASP B 1 -2.10 -24.89 12.02
CA ASP B 1 -0.83 -24.13 12.24
C ASP B 1 -0.87 -23.36 13.56
N VAL B 2 0.30 -22.87 13.99
CA VAL B 2 0.41 -22.14 15.26
C VAL B 2 -0.17 -20.73 15.09
N VAL B 3 -1.08 -20.35 15.98
CA VAL B 3 -1.74 -19.06 15.92
C VAL B 3 -1.00 -18.01 16.76
N MET B 4 -0.71 -16.87 16.14
CA MET B 4 -0.10 -15.73 16.82
C MET B 4 -1.21 -14.72 17.15
N THR B 5 -1.48 -14.52 18.44
CA THR B 5 -2.48 -13.55 18.87
C THR B 5 -1.78 -12.27 19.27
N GLN B 6 -2.00 -11.23 18.49
CA GLN B 6 -1.30 -9.98 18.68
C GLN B 6 -2.23 -8.89 19.21
N THR B 7 -1.77 -8.18 20.24
CA THR B 7 -2.56 -7.13 20.88
C THR B 7 -1.67 -5.91 21.19
N PRO B 8 -2.24 -4.69 21.08
CA PRO B 8 -3.60 -4.37 20.67
C PRO B 8 -3.69 -4.27 19.14
N LEU B 9 -4.91 -4.06 18.63
CA LEU B 9 -5.12 -3.93 17.19
C LEU B 9 -4.61 -2.60 16.65
N SER B 10 -4.78 -1.53 17.44
CA SER B 10 -4.36 -0.20 17.05
C SER B 10 -3.70 0.45 18.24
N LEU B 11 -2.80 1.38 17.97
CA LEU B 11 -2.12 2.13 19.00
C LEU B 11 -1.95 3.58 18.56
N SER B 12 -2.48 4.52 19.35
CA SER B 12 -2.27 5.94 19.08
C SER B 12 -1.52 6.57 20.24
N VAL B 13 -0.31 7.04 19.99
CA VAL B 13 0.57 7.53 21.05
C VAL B 13 1.05 8.95 20.79
N SER B 14 1.34 9.69 21.86
CA SER B 14 1.90 11.04 21.72
C SER B 14 3.33 10.91 21.20
N LEU B 15 3.80 11.90 20.43
CA LEU B 15 5.20 11.90 19.98
C LEU B 15 6.16 11.73 21.16
N GLY B 16 7.18 10.89 20.97
CA GLY B 16 8.17 10.65 22.03
C GLY B 16 7.77 9.64 23.09
N ASP B 17 6.50 9.23 23.11
CA ASP B 17 6.02 8.20 24.02
C ASP B 17 6.51 6.80 23.60
N GLN B 18 6.31 5.82 24.48
CA GLN B 18 6.62 4.43 24.17
C GLN B 18 5.38 3.70 23.67
N ALA B 19 5.58 2.80 22.71
CA ALA B 19 4.53 1.91 22.24
C ALA B 19 4.96 0.49 22.56
N SER B 20 4.01 -0.32 23.03
CA SER B 20 4.30 -1.68 23.42
C SER B 20 3.28 -2.62 22.80
N ILE B 21 3.78 -3.66 22.13
CA ILE B 21 2.96 -4.61 21.39
C ILE B 21 3.24 -6.03 21.87
N SER B 22 2.17 -6.76 22.19
CA SER B 22 2.30 -8.13 22.69
C SER B 22 1.89 -9.17 21.66
N CYS B 23 2.57 -10.32 21.69
CA CYS B 23 2.30 -11.45 20.82
C CYS B 23 2.32 -12.71 21.68
N ARG B 24 1.22 -13.46 21.66
CA ARG B 24 1.14 -14.75 22.35
C ARG B 24 0.92 -15.87 21.34
N SER B 25 1.73 -16.92 21.42
CA SER B 25 1.59 -18.09 20.53
C SER B 25 0.72 -19.19 21.13
N SER B 26 0.02 -19.94 20.28
CA SER B 26 -0.82 -21.05 20.73
C SER B 26 -0.02 -22.23 21.32
N GLN B 27 1.26 -22.32 20.97
CA GLN B 27 2.18 -23.23 21.65
C GLN B 27 3.58 -22.63 21.77
N SER B 28 4.44 -23.29 22.54
CA SER B 28 5.81 -22.83 22.75
C SER B 28 6.56 -22.64 21.43
N LEU B 29 7.31 -21.54 21.35
CA LEU B 29 8.11 -21.27 20.17
C LEU B 29 9.56 -21.72 20.34
N VAL B 30 9.84 -22.40 21.45
CA VAL B 30 11.15 -23.01 21.66
C VAL B 30 11.26 -24.26 20.79
N HIS B 31 12.13 -24.17 19.79
CA HIS B 31 12.49 -25.27 18.90
C HIS B 31 13.14 -26.38 19.70
N SER B 32 13.08 -27.61 19.21
CA SER B 32 13.79 -28.72 19.86
C SER B 32 15.31 -28.47 19.97
N ASN B 33 15.87 -27.68 19.06
CA ASN B 33 17.28 -27.29 19.12
C ASN B 33 17.58 -26.19 20.17
N GLY B 34 16.55 -25.75 20.89
CA GLY B 34 16.72 -24.83 22.02
C GLY B 34 16.58 -23.35 21.71
N ASN B 35 16.57 -23.02 20.41
CA ASN B 35 16.43 -21.65 19.95
C ASN B 35 14.96 -21.27 19.79
N THR B 36 14.68 -19.98 19.79
CA THR B 36 13.32 -19.47 19.72
C THR B 36 13.18 -18.60 18.47
N TYR B 37 12.40 -19.09 17.53
CA TYR B 37 12.27 -18.48 16.21
C TYR B 37 11.04 -17.59 16.13
N LEU B 38 11.18 -16.42 16.75
CA LEU B 38 10.12 -15.42 16.76
C LEU B 38 10.68 -14.08 16.33
N HIS B 39 10.00 -13.42 15.39
CA HIS B 39 10.52 -12.26 14.68
C HIS B 39 9.53 -11.14 14.62
N TRP B 40 9.99 -9.91 14.41
CA TRP B 40 9.09 -8.77 14.27
C TRP B 40 9.30 -8.07 12.98
N TYR B 41 8.21 -7.63 12.38
CA TYR B 41 8.25 -6.94 11.09
C TYR B 41 7.40 -5.69 11.19
N LEU B 42 7.59 -4.77 10.25
CA LEU B 42 6.59 -3.74 10.00
C LEU B 42 6.27 -3.69 8.51
N GLN B 43 5.15 -3.06 8.19
CA GLN B 43 4.76 -2.85 6.81
C GLN B 43 4.03 -1.52 6.69
N LYS B 44 4.52 -0.65 5.82
CA LYS B 44 3.87 0.60 5.52
C LYS B 44 3.03 0.38 4.28
N PRO B 45 1.93 1.17 4.12
CA PRO B 45 1.04 0.96 2.97
C PRO B 45 1.77 1.06 1.63
N GLY B 46 1.38 0.23 0.67
CA GLY B 46 2.03 0.21 -0.65
C GLY B 46 3.46 -0.30 -0.64
N GLN B 47 3.90 -0.80 0.52
CA GLN B 47 5.29 -1.24 0.66
C GLN B 47 5.40 -2.70 1.10
N SER B 48 6.55 -3.31 0.84
CA SER B 48 6.84 -4.66 1.28
C SER B 48 7.10 -4.66 2.79
N PRO B 49 6.93 -5.81 3.46
CA PRO B 49 7.34 -5.88 4.85
C PRO B 49 8.85 -5.63 5.03
N LYS B 50 9.23 -5.18 6.23
CA LYS B 50 10.62 -4.94 6.60
C LYS B 50 10.90 -5.68 7.89
N LEU B 51 11.99 -6.44 7.91
CA LEU B 51 12.40 -7.12 9.14
C LEU B 51 12.94 -6.12 10.17
N LEU B 52 12.49 -6.26 11.40
CA LEU B 52 12.92 -5.38 12.49
C LEU B 52 13.79 -6.19 13.44
N ILE B 53 13.22 -7.28 13.95
CA ILE B 53 13.86 -8.11 14.95
C ILE B 53 13.74 -9.57 14.57
N TYR B 54 14.86 -10.30 14.67
CA TYR B 54 14.84 -11.74 14.43
C TYR B 54 15.24 -12.46 15.70
N LYS B 55 14.66 -13.65 15.88
CA LYS B 55 14.99 -14.51 17.01
C LYS B 55 14.90 -13.74 18.32
N VAL B 56 13.71 -13.14 18.54
CA VAL B 56 13.28 -12.52 19.81
C VAL B 56 13.83 -11.11 20.07
N SER B 57 15.14 -10.95 19.97
CA SER B 57 15.76 -9.69 20.39
C SER B 57 16.81 -9.09 19.44
N ASN B 58 17.19 -9.80 18.39
CA ASN B 58 18.25 -9.29 17.51
C ASN B 58 17.74 -8.27 16.52
N ARG B 59 18.27 -7.04 16.59
CA ARG B 59 17.89 -6.00 15.65
C ARG B 59 18.55 -6.23 14.29
N PHE B 60 17.75 -6.11 13.24
CA PHE B 60 18.26 -6.17 11.88
C PHE B 60 19.00 -4.86 11.57
N SER B 61 20.00 -4.94 10.69
CA SER B 61 20.85 -3.78 10.39
C SER B 61 20.03 -2.56 9.97
N GLY B 62 20.34 -1.41 10.57
CA GLY B 62 19.63 -0.17 10.27
C GLY B 62 18.50 0.11 11.24
N VAL B 63 18.13 -0.87 12.03
CA VAL B 63 17.05 -0.72 13.02
C VAL B 63 17.63 -0.04 14.26
N PRO B 64 17.10 1.15 14.64
CA PRO B 64 17.62 1.90 15.81
C PRO B 64 17.38 1.15 17.12
N ASP B 65 18.26 1.29 18.10
CA ASP B 65 18.12 0.55 19.36
C ASP B 65 16.93 1.03 20.21
N ARG B 66 16.25 2.04 19.67
CA ARG B 66 14.95 2.52 20.10
C ARG B 66 13.88 1.39 20.12
N LEU B 67 14.02 0.46 19.18
CA LEU B 67 13.14 -0.71 19.13
C LEU B 67 13.81 -1.87 19.82
N SER B 68 13.07 -2.58 20.67
CA SER B 68 13.60 -3.76 21.33
C SER B 68 12.56 -4.86 21.47
N GLY B 69 13.02 -6.11 21.40
CA GLY B 69 12.15 -7.26 21.59
C GLY B 69 12.57 -8.09 22.80
N SER B 70 11.60 -8.74 23.42
CA SER B 70 11.84 -9.64 24.53
C SER B 70 10.74 -10.67 24.62
N GLY B 71 10.91 -11.61 25.54
CA GLY B 71 9.91 -12.63 25.81
C GLY B 71 10.52 -14.01 25.74
N SER B 72 9.69 -15.02 25.98
CA SER B 72 10.13 -16.40 25.98
C SER B 72 8.90 -17.31 25.97
N GLY B 73 9.10 -18.55 25.54
CA GLY B 73 8.04 -19.54 25.50
C GLY B 73 6.92 -19.18 24.54
N THR B 74 5.83 -18.64 25.08
CA THR B 74 4.65 -18.29 24.30
C THR B 74 4.33 -16.79 24.33
N ASP B 75 5.13 -16.01 25.06
CA ASP B 75 4.79 -14.63 25.39
C ASP B 75 5.91 -13.70 24.97
N PHE B 76 5.62 -12.78 24.03
CA PHE B 76 6.64 -11.90 23.46
C PHE B 76 6.17 -10.47 23.33
N THR B 77 7.10 -9.52 23.41
CA THR B 77 6.78 -8.10 23.40
C THR B 77 7.74 -7.30 22.55
N LEU B 78 7.20 -6.45 21.67
CA LEU B 78 7.99 -5.46 20.96
C LEU B 78 7.74 -4.08 21.58
N LYS B 79 8.82 -3.39 21.97
CA LYS B 79 8.72 -2.04 22.52
C LYS B 79 9.37 -1.03 21.59
N ILE B 80 8.64 0.04 21.29
CA ILE B 80 9.19 1.12 20.48
C ILE B 80 9.25 2.37 21.35
N SER B 81 10.45 2.78 21.73
CA SER B 81 10.63 4.02 22.49
C SER B 81 10.71 5.21 21.56
N ARG B 82 10.38 6.38 22.09
CA ARG B 82 10.40 7.64 21.36
C ARG B 82 9.73 7.56 19.98
N VAL B 83 8.49 7.09 19.97
CA VAL B 83 7.70 7.01 18.74
C VAL B 83 7.75 8.34 17.98
N GLU B 84 8.09 8.24 16.70
CA GLU B 84 8.18 9.40 15.81
C GLU B 84 7.36 9.14 14.55
N ALA B 85 7.11 10.19 13.79
CA ALA B 85 6.27 10.09 12.59
C ALA B 85 6.69 8.96 11.65
N GLU B 86 7.99 8.73 11.51
CA GLU B 86 8.51 7.70 10.60
C GLU B 86 8.23 6.26 11.06
N ASP B 87 7.80 6.11 12.31
CA ASP B 87 7.43 4.80 12.85
C ASP B 87 6.04 4.35 12.41
N LEU B 88 5.28 5.24 11.78
CA LEU B 88 3.91 4.90 11.36
C LEU B 88 3.92 3.71 10.40
N ALA B 89 3.24 2.64 10.81
CA ALA B 89 3.27 1.35 10.10
C ALA B 89 2.32 0.39 10.80
N VAL B 90 2.09 -0.76 10.16
CA VAL B 90 1.46 -1.92 10.81
C VAL B 90 2.59 -2.84 11.24
N TYR B 91 2.63 -3.18 12.53
CA TYR B 91 3.68 -4.03 13.10
C TYR B 91 3.10 -5.41 13.38
N PHE B 92 3.89 -6.44 13.13
CA PHE B 92 3.42 -7.80 13.39
C PHE B 92 4.54 -8.78 13.75
N CYS B 93 4.22 -9.72 14.62
CA CYS B 93 5.13 -10.81 14.97
C CYS B 93 5.01 -11.95 13.95
N SER B 94 6.02 -12.82 13.95
CA SER B 94 6.00 -14.03 13.12
C SER B 94 6.74 -15.12 13.85
N GLN B 95 6.13 -16.31 13.91
CA GLN B 95 6.85 -17.50 14.37
C GLN B 95 7.28 -18.34 13.17
N SER B 96 8.47 -18.93 13.25
CA SER B 96 8.91 -19.87 12.23
C SER B 96 9.51 -21.14 12.85
N THR B 97 9.22 -21.34 14.13
CA THR B 97 9.61 -22.57 14.82
C THR B 97 8.86 -23.74 14.18
N HIS B 98 7.60 -23.50 13.85
CA HIS B 98 6.72 -24.52 13.29
C HIS B 98 6.34 -24.23 11.86
N VAL B 99 5.94 -25.27 11.13
CA VAL B 99 5.57 -25.16 9.73
C VAL B 99 4.03 -25.13 9.65
N PRO B 100 3.45 -24.18 8.90
CA PRO B 100 4.10 -23.10 8.18
C PRO B 100 4.46 -21.96 9.13
N PRO B 101 5.39 -21.07 8.71
CA PRO B 101 5.55 -19.83 9.45
C PRO B 101 4.21 -19.11 9.50
N THR B 102 3.89 -18.49 10.62
CA THR B 102 2.62 -17.78 10.75
C THR B 102 2.89 -16.39 11.30
N PHE B 103 1.87 -15.53 11.26
CA PHE B 103 2.05 -14.11 11.48
C PHE B 103 0.96 -13.55 12.40
N GLY B 104 1.32 -12.57 13.22
CA GLY B 104 0.35 -11.85 14.04
C GLY B 104 -0.62 -11.11 13.14
N GLY B 105 -1.77 -10.75 13.69
CA GLY B 105 -2.78 -10.02 12.93
C GLY B 105 -2.44 -8.56 12.68
N GLY B 106 -1.37 -8.07 13.31
CA GLY B 106 -0.93 -6.68 13.11
C GLY B 106 -1.38 -5.70 14.18
N THR B 107 -0.56 -4.65 14.38
CA THR B 107 -0.89 -3.50 15.22
C THR B 107 -0.62 -2.26 14.40
N LYS B 108 -1.65 -1.47 14.16
CA LYS B 108 -1.49 -0.21 13.43
C LYS B 108 -1.01 0.84 14.41
N LEU B 109 0.14 1.42 14.12
CA LEU B 109 0.73 2.46 14.95
C LEU B 109 0.42 3.84 14.37
N GLU B 110 -0.31 4.65 15.14
CA GLU B 110 -0.58 6.02 14.77
C GLU B 110 -0.07 7.00 15.82
N LEU B 111 0.13 8.24 15.41
CA LEU B 111 0.76 9.26 16.23
C LEU B 111 -0.19 10.41 16.48
N LYS B 112 -0.07 11.02 17.66
CA LYS B 112 -0.80 12.24 17.98
C LYS B 112 -0.07 13.47 17.44
N ARG B 113 -0.81 14.55 17.30
CA ARG B 113 -0.36 15.75 16.61
C ARG B 113 -1.32 16.84 17.05
N ALA B 114 -0.94 18.10 16.91
CA ALA B 114 -1.88 19.20 17.12
C ALA B 114 -3.01 19.10 16.10
N ASP B 115 -4.25 19.35 16.54
CA ASP B 115 -5.38 19.44 15.60
C ASP B 115 -5.05 20.37 14.44
N ALA B 116 -5.46 19.98 13.23
CA ALA B 116 -5.17 20.73 12.01
C ALA B 116 -6.37 20.68 11.07
N ALA B 117 -6.74 21.84 10.53
CA ALA B 117 -7.89 21.97 9.63
C ALA B 117 -7.56 21.52 8.21
N PRO B 118 -8.52 20.87 7.52
CA PRO B 118 -8.23 20.44 6.15
C PRO B 118 -8.13 21.62 5.20
N THR B 119 -7.23 21.52 4.23
CA THR B 119 -7.20 22.43 3.11
C THR B 119 -8.09 21.81 2.03
N VAL B 120 -9.17 22.49 1.68
CA VAL B 120 -10.17 21.93 0.75
C VAL B 120 -10.07 22.61 -0.61
N SER B 121 -9.98 21.81 -1.66
CA SER B 121 -9.95 22.28 -3.04
C SER B 121 -10.92 21.47 -3.90
N ILE B 122 -11.70 22.17 -4.73
CA ILE B 122 -12.68 21.56 -5.62
C ILE B 122 -12.23 21.71 -7.08
N PHE B 123 -12.54 20.73 -7.91
CA PHE B 123 -12.10 20.73 -9.30
C PHE B 123 -13.26 20.34 -10.21
N PRO B 124 -13.61 21.20 -11.19
CA PRO B 124 -14.65 20.83 -12.15
C PRO B 124 -14.14 19.73 -13.09
N PRO B 125 -15.06 19.07 -13.84
CA PRO B 125 -14.63 18.07 -14.82
C PRO B 125 -13.68 18.68 -15.83
N SER B 126 -12.69 17.90 -16.26
CA SER B 126 -11.78 18.34 -17.32
C SER B 126 -12.49 18.34 -18.67
N SER B 127 -11.98 19.16 -19.60
CA SER B 127 -12.46 19.17 -20.98
C SER B 127 -12.38 17.79 -21.61
N GLU B 128 -11.26 17.11 -21.39
CA GLU B 128 -11.03 15.74 -21.89
C GLU B 128 -12.12 14.79 -21.44
N GLN B 129 -12.49 14.84 -20.16
CA GLN B 129 -13.54 13.94 -19.68
C GLN B 129 -14.89 14.23 -20.32
N LEU B 130 -15.27 15.51 -20.39
CA LEU B 130 -16.56 15.91 -20.96
C LEU B 130 -16.71 15.45 -22.41
N THR B 131 -15.59 15.45 -23.12
CA THR B 131 -15.48 14.88 -24.45
C THR B 131 -16.00 13.45 -24.53
N SER B 132 -15.74 12.66 -23.49
CA SER B 132 -16.13 11.25 -23.48
C SER B 132 -17.56 11.03 -22.97
N GLY B 133 -18.22 12.11 -22.55
CA GLY B 133 -19.61 12.03 -22.08
C GLY B 133 -19.73 11.84 -20.58
N GLY B 134 -18.60 11.95 -19.88
CA GLY B 134 -18.55 11.82 -18.43
C GLY B 134 -18.23 13.14 -17.73
N ALA B 135 -18.48 13.19 -16.42
CA ALA B 135 -18.27 14.40 -15.65
C ALA B 135 -18.02 14.05 -14.18
N SER B 136 -16.75 14.10 -13.78
CA SER B 136 -16.39 13.89 -12.38
C SER B 136 -15.99 15.21 -11.75
N VAL B 137 -16.59 15.52 -10.60
CA VAL B 137 -16.16 16.67 -9.82
C VAL B 137 -15.37 16.12 -8.64
N VAL B 138 -14.19 16.70 -8.41
CA VAL B 138 -13.27 16.14 -7.44
C VAL B 138 -13.02 17.16 -6.35
N CYS B 139 -12.99 16.65 -5.13
CA CYS B 139 -12.69 17.48 -4.00
C CYS B 139 -11.58 16.85 -3.19
N PHE B 140 -10.50 17.60 -2.97
CA PHE B 140 -9.42 17.16 -2.08
C PHE B 140 -9.56 17.84 -0.73
N LEU B 141 -9.47 17.06 0.34
CA LEU B 141 -9.45 17.59 1.70
C LEU B 141 -8.14 17.13 2.33
N ASN B 142 -7.16 18.02 2.31
CA ASN B 142 -5.76 17.65 2.58
C ASN B 142 -5.21 18.09 3.94
N ASN B 143 -4.35 17.24 4.48
CA ASN B 143 -3.51 17.54 5.66
C ASN B 143 -4.24 17.97 6.91
N PHE B 144 -5.19 17.15 7.33
CA PHE B 144 -5.97 17.48 8.51
C PHE B 144 -5.68 16.53 9.66
N TYR B 145 -6.09 16.94 10.86
CA TYR B 145 -5.97 16.12 12.06
C TYR B 145 -6.99 16.59 13.09
N PRO B 146 -7.73 15.65 13.73
CA PRO B 146 -7.65 14.19 13.66
C PRO B 146 -8.31 13.58 12.40
N LYS B 147 -8.35 12.25 12.33
CA LYS B 147 -8.79 11.55 11.11
C LYS B 147 -10.29 11.65 10.81
N ASP B 148 -11.09 11.91 11.85
CA ASP B 148 -12.54 11.92 11.72
C ASP B 148 -13.00 13.14 10.93
N ILE B 149 -13.61 12.88 9.79
CA ILE B 149 -14.08 13.92 8.88
C ILE B 149 -15.28 13.39 8.07
N ASN B 150 -16.12 14.32 7.63
CA ASN B 150 -17.27 13.99 6.80
C ASN B 150 -17.38 14.98 5.66
N VAL B 151 -17.67 14.45 4.47
CA VAL B 151 -17.83 15.26 3.27
C VAL B 151 -19.25 15.08 2.78
N LYS B 152 -19.85 16.17 2.32
CA LYS B 152 -21.17 16.13 1.72
C LYS B 152 -21.08 16.89 0.42
N TRP B 153 -21.79 16.39 -0.59
CA TRP B 153 -21.90 17.06 -1.87
C TRP B 153 -23.24 17.72 -1.99
N LYS B 154 -23.24 18.95 -2.51
CA LYS B 154 -24.49 19.64 -2.81
C LYS B 154 -24.52 20.10 -4.26
N ILE B 155 -25.62 19.80 -4.96
CA ILE B 155 -25.84 20.27 -6.33
C ILE B 155 -27.04 21.22 -6.33
N ASP B 156 -26.82 22.45 -6.75
CA ASP B 156 -27.81 23.54 -6.60
C ASP B 156 -28.42 23.55 -5.18
N GLY B 157 -27.56 23.49 -4.18
CA GLY B 157 -27.98 23.54 -2.78
C GLY B 157 -28.54 22.25 -2.21
N SER B 158 -28.77 21.26 -3.09
CA SER B 158 -29.41 20.00 -2.71
C SER B 158 -28.39 18.86 -2.57
N GLU B 159 -28.48 18.10 -1.47
CA GLU B 159 -27.50 17.04 -1.19
C GLU B 159 -27.56 15.92 -2.23
N ARG B 160 -26.38 15.52 -2.69
CA ARG B 160 -26.25 14.40 -3.60
C ARG B 160 -25.36 13.33 -2.98
N GLN B 161 -25.90 12.12 -2.85
CA GLN B 161 -25.16 11.01 -2.26
C GLN B 161 -24.74 9.98 -3.30
N ASN B 162 -25.59 9.78 -4.32
CA ASN B 162 -25.31 8.79 -5.37
C ASN B 162 -24.22 9.25 -6.34
N GLY B 163 -23.31 8.32 -6.66
CA GLY B 163 -22.18 8.61 -7.54
C GLY B 163 -20.99 9.20 -6.82
N VAL B 164 -20.96 9.09 -5.49
CA VAL B 164 -19.88 9.62 -4.66
C VAL B 164 -18.91 8.52 -4.21
N LEU B 165 -17.64 8.66 -4.56
CA LEU B 165 -16.62 7.70 -4.17
C LEU B 165 -15.52 8.41 -3.36
N ASN B 166 -15.29 7.94 -2.14
CA ASN B 166 -14.31 8.54 -1.25
C ASN B 166 -13.08 7.66 -1.08
N SER B 167 -11.93 8.29 -0.89
CA SER B 167 -10.70 7.57 -0.54
C SER B 167 -9.89 8.33 0.50
N TRP B 168 -9.27 7.61 1.42
CA TRP B 168 -8.60 8.19 2.56
C TRP B 168 -7.18 7.69 2.63
N THR B 169 -6.23 8.60 2.86
CA THR B 169 -4.84 8.17 3.09
C THR B 169 -4.61 7.66 4.50
N ASP B 170 -3.56 6.85 4.68
CA ASP B 170 -3.02 6.51 5.99
C ASP B 170 -2.31 7.74 6.53
N GLN B 171 -2.08 7.78 7.83
CA GLN B 171 -1.42 8.93 8.45
C GLN B 171 -0.06 9.22 7.83
N ASP B 172 0.15 10.47 7.45
CA ASP B 172 1.36 10.90 6.77
C ASP B 172 2.57 10.75 7.66
N SER B 173 3.64 10.16 7.14
CA SER B 173 4.82 9.84 7.94
C SER B 173 5.73 11.03 8.18
N LYS B 174 5.43 12.18 7.55
CA LYS B 174 6.21 13.39 7.75
C LYS B 174 5.51 14.36 8.70
N ASP B 175 4.27 14.75 8.39
CA ASP B 175 3.56 15.75 9.21
C ASP B 175 2.45 15.20 10.13
N SER B 176 2.28 13.87 10.15
CA SER B 176 1.28 13.19 10.99
C SER B 176 -0.19 13.56 10.71
N THR B 177 -0.47 14.02 9.50
CA THR B 177 -1.85 14.36 9.13
C THR B 177 -2.53 13.28 8.24
N TYR B 178 -3.79 13.51 7.94
CA TYR B 178 -4.57 12.65 7.05
C TYR B 178 -5.08 13.48 5.89
N SER B 179 -5.32 12.82 4.77
CA SER B 179 -5.95 13.44 3.60
C SER B 179 -7.11 12.57 3.09
N MET B 180 -8.00 13.20 2.35
CA MET B 180 -9.17 12.52 1.79
C MET B 180 -9.46 13.06 0.40
N SER B 181 -9.95 12.17 -0.47
CA SER B 181 -10.35 12.53 -1.81
C SER B 181 -11.81 12.11 -1.95
N SER B 182 -12.61 12.96 -2.58
CA SER B 182 -14.01 12.67 -2.80
C SER B 182 -14.36 13.02 -4.25
N THR B 183 -14.91 12.04 -4.97
CA THR B 183 -15.26 12.24 -6.38
C THR B 183 -16.74 11.96 -6.61
N LEU B 184 -17.43 12.96 -7.15
CA LEU B 184 -18.81 12.81 -7.60
C LEU B 184 -18.80 12.64 -9.12
N THR B 185 -19.25 11.47 -9.58
CA THR B 185 -19.28 11.20 -11.01
C THR B 185 -20.71 11.24 -11.53
N LEU B 186 -20.92 12.01 -12.61
CA LEU B 186 -22.19 12.14 -13.29
C LEU B 186 -21.96 11.95 -14.79
N THR B 187 -23.05 11.84 -15.55
CA THR B 187 -22.96 11.96 -16.99
C THR B 187 -22.79 13.43 -17.34
N LYS B 188 -22.23 13.70 -18.52
CA LYS B 188 -22.10 15.07 -19.00
C LYS B 188 -23.46 15.79 -19.01
N ASP B 189 -24.51 15.11 -19.47
CA ASP B 189 -25.86 15.69 -19.52
C ASP B 189 -26.43 16.02 -18.15
N GLU B 190 -26.22 15.12 -17.18
CA GLU B 190 -26.62 15.29 -15.80
C GLU B 190 -25.91 16.52 -15.18
N TYR B 191 -24.61 16.60 -15.44
CA TYR B 191 -23.76 17.71 -14.99
C TYR B 191 -24.23 19.03 -15.57
N GLU B 192 -24.62 19.01 -16.85
CA GLU B 192 -25.03 20.22 -17.54
C GLU B 192 -26.46 20.67 -17.20
N ARG B 193 -27.21 19.80 -16.53
CA ARG B 193 -28.55 20.16 -16.06
C ARG B 193 -28.51 21.09 -14.83
N HIS B 194 -27.36 21.17 -14.15
CA HIS B 194 -27.24 22.00 -12.96
C HIS B 194 -26.10 22.97 -13.04
N ASN B 195 -26.07 23.91 -12.10
CA ASN B 195 -25.15 25.04 -12.19
C ASN B 195 -24.12 25.06 -11.06
N SER B 196 -24.61 24.91 -9.83
CA SER B 196 -23.79 25.11 -8.65
C SER B 196 -23.35 23.80 -7.99
N TYR B 197 -22.04 23.62 -7.88
CA TYR B 197 -21.44 22.38 -7.36
C TYR B 197 -20.61 22.64 -6.10
N THR B 198 -20.92 21.91 -5.03
CA THR B 198 -20.35 22.23 -3.74
C THR B 198 -19.85 21.02 -3.00
N CYS B 199 -18.62 21.15 -2.49
CA CYS B 199 -18.02 20.15 -1.63
C CYS B 199 -17.99 20.71 -0.20
N GLU B 200 -18.50 19.94 0.76
CA GLU B 200 -18.66 20.44 2.12
C GLU B 200 -17.99 19.54 3.16
N ALA B 201 -17.12 20.11 3.98
CA ALA B 201 -16.34 19.34 4.95
C ALA B 201 -16.63 19.69 6.39
N THR B 202 -16.99 18.68 7.16
CA THR B 202 -17.23 18.83 8.60
C THR B 202 -16.06 18.21 9.37
N HIS B 203 -15.42 19.02 10.22
CA HIS B 203 -14.24 18.60 10.99
C HIS B 203 -14.21 19.32 12.30
N LYS B 204 -13.65 18.68 13.32
CA LYS B 204 -13.63 19.21 14.69
C LYS B 204 -12.94 20.58 14.82
N THR B 205 -12.05 20.91 13.91
CA THR B 205 -11.30 22.16 13.94
C THR B 205 -12.12 23.37 13.51
N SER B 206 -13.39 23.15 13.16
CA SER B 206 -14.22 24.19 12.58
C SER B 206 -15.62 24.09 13.17
N THR B 207 -16.13 25.20 13.72
CA THR B 207 -17.52 25.25 14.17
C THR B 207 -18.48 24.97 13.01
N SER B 208 -18.24 25.63 11.88
CA SER B 208 -19.09 25.50 10.69
C SER B 208 -18.40 24.64 9.63
N PRO B 209 -19.18 23.99 8.74
CA PRO B 209 -18.57 23.21 7.65
C PRO B 209 -17.69 24.09 6.75
N ILE B 210 -16.57 23.53 6.28
CA ILE B 210 -15.73 24.20 5.28
C ILE B 210 -16.34 23.92 3.91
N VAL B 211 -16.60 24.98 3.15
CA VAL B 211 -17.39 24.87 1.95
C VAL B 211 -16.58 25.38 0.76
N LYS B 212 -16.47 24.55 -0.27
CA LYS B 212 -15.87 24.98 -1.53
C LYS B 212 -16.84 24.71 -2.67
N SER B 213 -16.93 25.66 -3.59
CA SER B 213 -18.01 25.67 -4.55
C SER B 213 -17.60 26.34 -5.86
N PHE B 214 -18.28 25.99 -6.95
CA PHE B 214 -18.13 26.69 -8.21
C PHE B 214 -19.45 26.65 -8.99
N ASN B 215 -19.64 27.61 -9.88
CA ASN B 215 -20.75 27.60 -10.80
C ASN B 215 -20.27 27.19 -12.18
N ARG B 216 -21.01 26.27 -12.79
CA ARG B 216 -20.68 25.73 -14.10
C ARG B 216 -20.37 26.82 -15.13
N ASN B 217 -21.24 27.82 -15.23
CA ASN B 217 -20.97 29.00 -16.06
C ASN B 217 -19.82 29.86 -15.50
N GLU B 218 -18.62 29.62 -16.03
CA GLU B 218 -17.43 30.34 -15.59
C GLU B 218 -16.30 30.24 -16.62
N ARG C 2 4.21 -29.76 12.83
CA ARG C 2 5.61 -30.13 12.51
C ARG C 2 6.54 -28.95 12.71
N GLU C 3 7.73 -29.27 13.20
CA GLU C 3 8.74 -28.29 13.51
C GLU C 3 9.58 -28.02 12.26
N ALA C 4 10.02 -26.78 12.09
CA ALA C 4 10.82 -26.40 10.93
C ALA C 4 12.21 -27.03 10.96
N ILE C 5 12.74 -27.32 9.76
CA ILE C 5 14.12 -27.73 9.61
C ILE C 5 14.96 -26.48 9.32
N VAL C 6 15.85 -26.15 10.25
CA VAL C 6 16.66 -24.94 10.19
C VAL C 6 17.80 -25.16 9.20
N LYS C 7 17.87 -24.33 8.17
CA LYS C 7 18.85 -24.53 7.10
C LYS C 7 20.17 -23.82 7.37
N ALA C 8 20.09 -22.69 8.07
CA ALA C 8 21.25 -21.87 8.45
C ALA C 8 20.84 -21.04 9.65
N ASP C 9 21.82 -20.59 10.43
CA ASP C 9 21.51 -19.90 11.68
C ASP C 9 22.66 -18.99 12.10
N GLU C 10 22.54 -18.37 13.27
CA GLU C 10 23.51 -17.39 13.72
C GLU C 10 23.47 -17.17 15.23
#